data_8W2Z
#
_entry.id   8W2Z
#
_cell.length_a   1.00
_cell.length_b   1.00
_cell.length_c   1.00
_cell.angle_alpha   90.00
_cell.angle_beta   90.00
_cell.angle_gamma   90.00
#
_symmetry.space_group_name_H-M   'P 1'
#
loop_
_entity.id
_entity.type
_entity.pdbx_description
1 polymer 'HNH nuclease domain-containing protein'
2 polymer sgRNA
3 polymer 'DNA Target Strand'
4 polymer 'DNA Non-Target Strand'
#
loop_
_entity_poly.entity_id
_entity_poly.type
_entity_poly.pdbx_seq_one_letter_code
_entity_poly.pdbx_strand_id
1 'polypeptide(L)'
;MERELVLGIDYGGKYTGLAVVDRRHNQVLYANRLKMRDDVAGILKDRRKQRGIRRTAQTKKKRLRELKNYLKSIGYNEST
ATFETVYSLAHKRGYDYADMPEEKTSEEIEAMDVEERKQWEKEKQEWEETKRNSRHRKEVVKDVHKAMIEGRATEEQIKR
VERIFNKQYRPKRFNNRILTKCKVEDCGVNTPLRKNVRDLLIENIVRFFPIESEKDNLKDAVLDKNRREEVKSFFRKHKT
DEHIRKQVYDIADNKLSGRTVFCKEHILEHTEHSKEERKVFRLAPSLKTKIENVLAVIKDEILPKFTVNKVVMESNNFDI
AAKTQGKKRLAKEEYGKGPREGKETRKEALLRETDGRCIYCGKSIDISNAHDDHIFPRKAGGLNIFANLVACCAVCNENK
KGRTPLESGISPKPEIIAFMKNDLKKKILEDARNINTVDFNKYMSHASIGWRYMRDRLRESAGNKKLPIERQSGIYTAYF
RRWWGFKKERGNTLHHALDAVILASRKGYSDDGLVDMTLKPKYNKGGEFDPEKHLPEPIEFKMDKGSRGSALHDRNPLSY
KKGIITRRFMVTEIECGKEDDVISETYREKLKEAFKRFDTKKGKCLTDKEAKEAGFCIKKNELVMSLKCSIKGTGPGQMI
RINNNVFKTNVHNVGVDVYLDEKGKKKAYERKNPRLSKHFIEPPPQPNGRVSFTLKRRDMVTVEGEDAIYRIKKLGTSPT
IEAVVGSDGKTRTVSATKLTKANSAE
;
A
2 'polyribonucleotide'
;GACGCAUAAAGAUGAGACGCGUUACAGUUAAGGCUCUGAAAAGAGCCUUAAUUGUAAAACGCCUAUACAGUGAAGGGAUA
UACGCUUGGGUUUGUCCAGCCUGAGCCUCUAUGCCAGAAAUGGCGCCUUCAUCGUGGGUUAGGACAUUUAAUUUUUUU
;
B
3 'polydeoxyribonucleotide'
;(DA)(DG)(DC)(DT)(DG)(DA)(DC)(DG)(DT)(DT)(DT)(DG)(DT)(DA)(DC)(DT)(DC)(DC)(DA)(DG)
(DC)(DG)(DT)(DC)(DT)(DC)(DA)(DT)(DC)(DT)(DT)(DT)(DA)(DT)(DG)(DC)(DG)(DT)(DC)(DA)
(DG)(DC)(DA)(DG)(DA)(DG)(DA)(DT)(DT)(DT)(DC)(DT)(DG)(DC)(DT)
;
C
4 'polydeoxyribonucleotide' (DC)(DT)(DG)(DG)(DA)(DG)(DT)(DA)(DC)(DA)(DA)(DA)(DC)(DG) D
#
# COMPACT_ATOMS: atom_id res chain seq x y z
N GLU A 4 -13.94 -22.51 35.52
CA GLU A 4 -12.68 -22.38 34.79
C GLU A 4 -12.93 -21.85 33.39
N LEU A 5 -12.92 -20.52 33.25
CA LEU A 5 -13.17 -19.89 31.96
C LEU A 5 -11.96 -20.03 31.05
N VAL A 6 -12.19 -20.47 29.82
CA VAL A 6 -11.15 -20.65 28.82
C VAL A 6 -11.51 -19.84 27.58
N LEU A 7 -10.57 -19.04 27.10
CA LEU A 7 -10.74 -18.25 25.88
C LEU A 7 -10.02 -18.95 24.74
N GLY A 8 -10.73 -19.12 23.62
CA GLY A 8 -10.18 -19.76 22.44
C GLY A 8 -10.05 -18.76 21.30
N ILE A 9 -8.88 -18.80 20.65
CA ILE A 9 -8.60 -17.95 19.49
C ILE A 9 -8.44 -18.87 18.29
N ASP A 10 -9.40 -18.81 17.37
CA ASP A 10 -9.27 -19.48 16.08
C ASP A 10 -8.81 -18.46 15.03
N TYR A 11 -7.52 -18.11 15.13
CA TYR A 11 -6.94 -17.18 14.19
C TYR A 11 -6.81 -17.81 12.81
N GLY A 12 -7.23 -17.06 11.78
CA GLY A 12 -7.07 -17.49 10.41
C GLY A 12 -6.71 -16.29 9.54
N GLY A 13 -6.51 -16.57 8.26
CA GLY A 13 -6.09 -15.53 7.34
C GLY A 13 -7.16 -14.50 7.05
N LYS A 14 -8.27 -14.93 6.48
CA LYS A 14 -9.34 -14.02 6.09
C LYS A 14 -10.36 -13.80 7.19
N TYR A 15 -10.56 -14.78 8.08
CA TYR A 15 -11.55 -14.70 9.13
C TYR A 15 -10.96 -15.25 10.42
N THR A 16 -11.58 -14.90 11.54
CA THR A 16 -11.09 -15.35 12.84
C THR A 16 -12.26 -15.59 13.77
N GLY A 17 -12.31 -16.77 14.37
CA GLY A 17 -13.32 -17.12 15.35
C GLY A 17 -12.84 -16.86 16.76
N LEU A 18 -13.77 -16.45 17.62
CA LEU A 18 -13.48 -16.15 19.02
C LEU A 18 -14.54 -16.81 19.88
N ALA A 19 -14.10 -17.45 20.97
CA ALA A 19 -15.04 -18.18 21.81
C ALA A 19 -14.52 -18.26 23.24
N VAL A 20 -15.45 -18.23 24.19
CA VAL A 20 -15.17 -18.38 25.61
C VAL A 20 -16.04 -19.52 26.14
N VAL A 21 -15.41 -20.53 26.71
CA VAL A 21 -16.11 -21.71 27.22
C VAL A 21 -15.59 -22.05 28.61
N ASP A 22 -16.51 -22.36 29.52
CA ASP A 22 -16.17 -22.85 30.85
C ASP A 22 -16.06 -24.37 30.78
N ARG A 23 -14.85 -24.90 31.02
CA ARG A 23 -14.58 -26.31 30.80
C ARG A 23 -15.07 -27.20 31.92
N ARG A 24 -15.43 -26.65 33.08
CA ARG A 24 -15.96 -27.47 34.16
C ARG A 24 -17.39 -27.94 33.90
N HIS A 25 -18.10 -27.33 32.97
CA HIS A 25 -19.45 -27.74 32.62
C HIS A 25 -19.71 -27.74 31.12
N ASN A 26 -18.69 -27.45 30.30
CA ASN A 26 -18.80 -27.32 28.83
C ASN A 26 -19.86 -26.29 28.45
N GLN A 27 -19.91 -25.19 29.20
CA GLN A 27 -20.90 -24.15 28.98
C GLN A 27 -20.29 -23.07 28.09
N VAL A 28 -20.89 -22.86 26.93
CA VAL A 28 -20.46 -21.82 26.00
C VAL A 28 -21.14 -20.52 26.39
N LEU A 29 -20.33 -19.49 26.64
CA LEU A 29 -20.85 -18.20 27.08
C LEU A 29 -20.68 -17.08 26.05
N TYR A 30 -19.81 -17.26 25.06
CA TYR A 30 -19.57 -16.23 24.07
C TYR A 30 -18.97 -16.88 22.82
N ALA A 31 -19.44 -16.44 21.65
CA ALA A 31 -18.93 -16.95 20.37
C ALA A 31 -19.35 -16.05 19.21
N ASN A 32 -18.39 -15.67 18.36
CA ASN A 32 -18.69 -14.96 17.12
C ASN A 32 -17.53 -15.17 16.14
N ARG A 33 -17.69 -14.60 14.94
CA ARG A 33 -16.68 -14.67 13.89
C ARG A 33 -16.63 -13.31 13.20
N LEU A 34 -15.48 -13.03 12.57
CA LEU A 34 -15.20 -11.65 12.15
C LEU A 34 -14.07 -11.66 11.13
N LYS A 35 -13.90 -10.51 10.46
CA LYS A 35 -12.79 -10.28 9.55
C LYS A 35 -12.02 -9.05 10.01
N MET A 36 -10.73 -9.01 9.65
CA MET A 36 -9.78 -8.07 10.24
C MET A 36 -9.08 -7.20 9.23
N ARG A 37 -9.19 -7.51 7.95
CA ARG A 37 -8.18 -7.20 6.95
C ARG A 37 -8.35 -5.77 6.41
N ASP A 38 -9.33 -5.03 6.93
CA ASP A 38 -9.82 -3.72 6.46
C ASP A 38 -10.27 -3.87 5.00
N ASP A 39 -10.09 -2.83 4.19
CA ASP A 39 -10.23 -3.02 2.75
C ASP A 39 -9.09 -3.90 2.23
N VAL A 40 -7.86 -3.41 2.35
CA VAL A 40 -6.68 -4.26 2.36
C VAL A 40 -5.60 -3.50 3.14
N ALA A 41 -4.73 -4.24 3.80
CA ALA A 41 -3.53 -3.65 4.37
C ALA A 41 -2.40 -3.60 3.36
N GLY A 42 -2.66 -4.02 2.13
CA GLY A 42 -1.80 -3.87 0.97
C GLY A 42 -1.87 -2.51 0.32
N ILE A 43 -2.60 -1.56 0.92
CA ILE A 43 -2.45 -0.15 0.55
C ILE A 43 -1.13 0.44 1.00
N LEU A 44 -0.34 -0.30 1.77
CA LEU A 44 1.05 0.08 1.98
C LEU A 44 1.85 0.01 0.69
N LYS A 45 1.44 -0.86 -0.24
CA LYS A 45 2.06 -0.91 -1.56
C LYS A 45 1.80 0.39 -2.33
N ASP A 46 0.56 0.88 -2.28
CA ASP A 46 0.25 2.16 -2.92
C ASP A 46 0.91 3.32 -2.21
N ARG A 47 1.05 3.22 -0.88
CA ARG A 47 1.82 4.21 -0.13
C ARG A 47 3.26 4.23 -0.58
N ARG A 48 3.87 3.06 -0.79
CA ARG A 48 5.25 3.00 -1.24
C ARG A 48 5.39 3.48 -2.68
N LYS A 49 4.38 3.23 -3.52
CA LYS A 49 4.44 3.76 -4.88
C LYS A 49 4.37 5.28 -4.88
N GLN A 50 3.51 5.86 -4.04
CA GLN A 50 3.49 7.31 -3.91
C GLN A 50 4.76 7.84 -3.27
N ARG A 51 5.36 7.09 -2.36
CA ARG A 51 6.65 7.48 -1.79
C ARG A 51 7.73 7.49 -2.85
N GLY A 52 7.72 6.50 -3.74
CA GLY A 52 8.68 6.48 -4.83
C GLY A 52 8.47 7.63 -5.80
N ILE A 53 7.21 7.94 -6.13
CA ILE A 53 6.93 9.08 -7.00
C ILE A 53 7.38 10.38 -6.36
N ARG A 54 7.07 10.56 -5.08
CA ARG A 54 7.44 11.78 -4.35
C ARG A 54 8.96 11.94 -4.26
N ARG A 55 9.67 10.86 -3.91
CA ARG A 55 11.12 10.97 -3.76
C ARG A 55 11.80 11.14 -5.11
N THR A 56 11.28 10.51 -6.17
CA THR A 56 11.82 10.72 -7.50
C THR A 56 11.62 12.17 -7.94
N ALA A 57 10.44 12.74 -7.67
CA ALA A 57 10.20 14.13 -8.01
C ALA A 57 11.09 15.07 -7.22
N GLN A 58 11.31 14.78 -5.93
CA GLN A 58 12.20 15.62 -5.12
C GLN A 58 13.63 15.54 -5.62
N THR A 59 14.09 14.34 -5.98
CA THR A 59 15.44 14.18 -6.54
C THR A 59 15.59 14.94 -7.85
N LYS A 60 14.57 14.86 -8.71
CA LYS A 60 14.60 15.57 -9.98
C LYS A 60 14.64 17.08 -9.79
N LYS A 61 13.82 17.61 -8.87
CA LYS A 61 13.83 19.03 -8.57
C LYS A 61 15.18 19.46 -8.00
N LYS A 62 15.76 18.61 -7.16
CA LYS A 62 17.05 18.88 -6.55
C LYS A 62 18.16 18.96 -7.60
N ARG A 63 18.15 18.02 -8.54
CA ARG A 63 19.18 18.00 -9.58
C ARG A 63 19.01 19.14 -10.55
N LEU A 64 17.77 19.47 -10.90
CA LEU A 64 17.51 20.62 -11.76
C LEU A 64 17.98 21.92 -11.10
N ARG A 65 17.75 22.06 -9.79
CA ARG A 65 18.24 23.22 -9.05
C ARG A 65 19.76 23.29 -9.07
N GLU A 66 20.44 22.17 -8.84
CA GLU A 66 21.89 22.19 -8.79
C GLU A 66 22.50 22.49 -10.15
N LEU A 67 21.93 21.90 -11.21
CA LEU A 67 22.47 22.14 -12.55
C LEU A 67 22.18 23.56 -13.00
N LYS A 68 21.02 24.11 -12.62
CA LYS A 68 20.72 25.51 -12.90
C LYS A 68 21.69 26.43 -12.19
N ASN A 69 22.01 26.14 -10.92
CA ASN A 69 22.97 26.95 -10.19
C ASN A 69 24.35 26.88 -10.83
N TYR A 70 24.76 25.70 -11.28
CA TYR A 70 26.08 25.57 -11.89
C TYR A 70 26.15 26.30 -13.22
N LEU A 71 25.11 26.21 -14.04
CA LEU A 71 25.12 26.90 -15.32
C LEU A 71 25.02 28.41 -15.16
N LYS A 72 24.29 28.89 -14.15
CA LYS A 72 24.34 30.32 -13.86
C LYS A 72 25.70 30.75 -13.32
N SER A 73 26.40 29.84 -12.64
CA SER A 73 27.76 30.15 -12.22
C SER A 73 28.70 30.28 -13.42
N ILE A 74 28.53 29.41 -14.42
CA ILE A 74 29.36 29.50 -15.62
C ILE A 74 29.03 30.75 -16.42
N GLY A 75 27.75 31.01 -16.65
CA GLY A 75 27.36 32.19 -17.39
C GLY A 75 26.21 31.97 -18.36
N TYR A 76 25.81 30.71 -18.54
CA TYR A 76 24.68 30.39 -19.40
C TYR A 76 23.39 30.73 -18.66
N ASN A 77 22.94 31.96 -18.81
CA ASN A 77 21.67 32.36 -18.22
C ASN A 77 20.52 31.80 -19.04
N GLU A 78 19.30 31.97 -18.52
CA GLU A 78 18.12 31.38 -19.14
C GLU A 78 17.78 31.98 -20.48
N SER A 79 18.35 33.14 -20.83
CA SER A 79 18.13 33.71 -22.15
C SER A 79 18.93 32.99 -23.23
N THR A 80 20.05 32.36 -22.87
CA THR A 80 20.90 31.71 -23.85
C THR A 80 20.25 30.41 -24.35
N ALA A 81 20.52 30.09 -25.61
CA ALA A 81 19.97 28.87 -26.20
C ALA A 81 20.65 27.62 -25.65
N THR A 82 21.91 27.75 -25.22
CA THR A 82 22.63 26.61 -24.66
C THR A 82 21.99 26.13 -23.37
N PHE A 83 21.64 27.08 -22.49
CA PHE A 83 20.94 26.75 -21.24
C PHE A 83 19.60 26.08 -21.51
N GLU A 84 18.84 26.62 -22.45
CA GLU A 84 17.53 26.05 -22.78
C GLU A 84 17.68 24.64 -23.30
N THR A 85 18.70 24.41 -24.14
CA THR A 85 18.89 23.09 -24.75
C THR A 85 19.30 22.06 -23.70
N VAL A 86 20.29 22.38 -22.85
CA VAL A 86 20.74 21.38 -21.88
C VAL A 86 19.71 21.21 -20.77
N TYR A 87 19.06 22.30 -20.36
CA TYR A 87 18.11 22.24 -19.25
C TYR A 87 16.84 21.54 -19.66
N SER A 88 16.44 21.63 -20.93
CA SER A 88 15.32 20.85 -21.41
C SER A 88 15.67 19.38 -21.53
N LEU A 89 16.95 19.06 -21.74
CA LEU A 89 17.37 17.67 -21.79
C LEU A 89 17.44 17.03 -20.42
N ALA A 90 17.66 17.83 -19.37
CA ALA A 90 17.80 17.30 -18.02
C ALA A 90 16.53 16.67 -17.48
N HIS A 91 15.37 16.99 -18.06
CA HIS A 91 14.14 16.38 -17.63
C HIS A 91 13.99 14.95 -18.11
N LYS A 92 14.74 14.55 -19.13
CA LYS A 92 14.76 13.18 -19.63
C LYS A 92 16.21 12.72 -19.60
N ARG A 93 16.65 12.14 -18.48
CA ARG A 93 18.05 11.72 -18.43
C ARG A 93 18.27 10.47 -19.26
N GLY A 94 17.33 9.54 -19.22
CA GLY A 94 17.56 8.24 -19.82
C GLY A 94 18.18 7.28 -18.83
N TYR A 95 17.84 6.00 -19.01
CA TYR A 95 18.32 4.97 -18.09
C TYR A 95 19.77 4.63 -18.38
N ASP A 96 20.42 4.03 -17.38
CA ASP A 96 21.82 3.64 -17.50
C ASP A 96 22.10 2.25 -16.96
N TYR A 97 21.10 1.53 -16.46
CA TYR A 97 21.32 0.17 -15.98
C TYR A 97 21.63 -0.80 -17.11
N ALA A 98 21.13 -0.54 -18.31
CA ALA A 98 21.38 -1.38 -19.47
C ALA A 98 22.28 -0.63 -20.45
N ASP A 99 23.36 -1.28 -20.87
CA ASP A 99 24.33 -0.66 -21.76
C ASP A 99 23.93 -0.89 -23.21
N MET A 100 23.93 0.19 -24.00
CA MET A 100 23.62 0.08 -25.41
C MET A 100 24.76 -0.62 -26.15
N PRO A 101 24.45 -1.35 -27.24
CA PRO A 101 25.52 -2.00 -28.00
C PRO A 101 26.26 -1.03 -28.90
N GLN A 125 19.18 -5.23 -32.57
CA GLN A 125 17.75 -5.56 -32.67
C GLN A 125 17.14 -5.72 -31.29
N GLU A 126 17.88 -6.36 -30.38
CA GLU A 126 17.39 -6.57 -29.03
C GLU A 126 17.24 -5.25 -28.28
N TRP A 127 18.20 -4.33 -28.45
CA TRP A 127 18.14 -3.05 -27.77
C TRP A 127 17.02 -2.16 -28.32
N GLU A 128 16.75 -2.25 -29.62
CA GLU A 128 15.70 -1.44 -30.21
C GLU A 128 14.31 -1.99 -29.89
N GLU A 129 14.20 -3.32 -29.74
CA GLU A 129 12.94 -3.94 -29.37
C GLU A 129 12.68 -3.92 -27.87
N THR A 130 13.62 -3.41 -27.07
CA THR A 130 13.45 -3.38 -25.63
C THR A 130 12.46 -2.30 -25.21
N LYS A 131 12.75 -1.06 -25.58
CA LYS A 131 11.92 0.08 -25.19
C LYS A 131 11.71 0.98 -26.40
N ARG A 132 10.65 1.79 -26.34
CA ARG A 132 10.36 2.74 -27.40
C ARG A 132 10.40 4.19 -26.93
N ASN A 133 10.73 4.44 -25.67
CA ASN A 133 10.83 5.79 -25.15
C ASN A 133 11.98 5.87 -24.16
N SER A 134 12.12 7.04 -23.54
CA SER A 134 13.09 7.38 -22.50
C SER A 134 14.53 7.44 -22.99
N ARG A 135 14.81 7.11 -24.26
CA ARG A 135 16.14 7.09 -24.85
C ARG A 135 17.13 6.26 -24.05
N HIS A 136 18.33 6.78 -23.88
CA HIS A 136 19.35 6.15 -23.06
C HIS A 136 20.29 7.25 -22.57
N ARG A 137 20.98 6.98 -21.47
CA ARG A 137 21.83 7.99 -20.84
C ARG A 137 22.94 8.45 -21.78
N LYS A 138 23.51 7.52 -22.55
CA LYS A 138 24.62 7.88 -23.43
C LYS A 138 24.16 8.75 -24.59
N GLU A 139 22.96 8.47 -25.13
CA GLU A 139 22.40 9.32 -26.18
C GLU A 139 22.17 10.73 -25.67
N VAL A 140 21.61 10.84 -24.46
CA VAL A 140 21.31 12.14 -23.88
C VAL A 140 22.60 12.92 -23.62
N VAL A 141 23.61 12.26 -23.03
CA VAL A 141 24.84 13.00 -22.76
C VAL A 141 25.61 13.29 -24.04
N LYS A 142 25.42 12.50 -25.11
CA LYS A 142 26.00 12.88 -26.39
C LYS A 142 25.33 14.15 -26.92
N ASP A 143 24.01 14.26 -26.72
CA ASP A 143 23.33 15.51 -27.06
C ASP A 143 23.82 16.67 -26.20
N VAL A 144 24.15 16.42 -24.93
CA VAL A 144 24.76 17.46 -24.09
C VAL A 144 26.11 17.87 -24.64
N HIS A 145 26.94 16.90 -25.05
CA HIS A 145 28.23 17.24 -25.64
C HIS A 145 28.07 18.09 -26.88
N LYS A 146 27.10 17.74 -27.74
CA LYS A 146 26.84 18.54 -28.94
C LYS A 146 26.38 19.95 -28.58
N ALA A 147 25.48 20.06 -27.60
CA ALA A 147 24.93 21.37 -27.24
C ALA A 147 25.95 22.26 -26.57
N MET A 148 26.90 21.69 -25.82
CA MET A 148 27.92 22.53 -25.19
C MET A 148 29.12 22.80 -26.08
N ILE A 149 29.43 21.92 -27.04
CA ILE A 149 30.44 22.32 -28.01
C ILE A 149 29.87 23.34 -28.98
N GLU A 150 28.54 23.37 -29.19
CA GLU A 150 27.98 24.55 -29.83
C GLU A 150 27.95 25.75 -28.91
N GLY A 151 28.11 25.54 -27.60
CA GLY A 151 28.09 26.64 -26.67
C GLY A 151 29.44 27.02 -26.11
N ARG A 152 30.50 26.77 -26.88
CA ARG A 152 31.90 27.05 -26.52
C ARG A 152 32.29 26.65 -25.10
N ALA A 153 32.02 25.40 -24.72
CA ALA A 153 32.39 24.94 -23.39
C ALA A 153 33.70 24.15 -23.44
N THR A 154 34.40 24.16 -22.31
CA THR A 154 35.60 23.37 -22.14
C THR A 154 35.24 21.95 -21.70
N GLU A 155 36.23 21.05 -21.77
CA GLU A 155 36.00 19.66 -21.39
C GLU A 155 35.75 19.52 -19.90
N GLU A 156 36.29 20.44 -19.08
CA GLU A 156 36.01 20.44 -17.66
C GLU A 156 34.53 20.71 -17.40
N GLN A 157 33.97 21.73 -18.06
CA GLN A 157 32.56 22.05 -17.87
C GLN A 157 31.66 20.96 -18.41
N ILE A 158 32.04 20.38 -19.56
CA ILE A 158 31.26 19.30 -20.15
C ILE A 158 31.26 18.08 -19.25
N LYS A 159 32.42 17.74 -18.67
CA LYS A 159 32.46 16.58 -17.79
C LYS A 159 31.77 16.85 -16.46
N ARG A 160 31.74 18.11 -16.00
CA ARG A 160 30.98 18.39 -14.79
C ARG A 160 29.47 18.27 -15.04
N VAL A 161 29.00 18.73 -16.20
CA VAL A 161 27.59 18.56 -16.53
C VAL A 161 27.26 17.08 -16.71
N GLU A 162 28.19 16.33 -17.32
CA GLU A 162 28.01 14.88 -17.46
C GLU A 162 27.94 14.20 -16.10
N ARG A 163 28.72 14.69 -15.13
CA ARG A 163 28.66 14.13 -13.79
C ARG A 163 27.36 14.50 -13.09
N ILE A 164 26.85 15.72 -13.33
CA ILE A 164 25.59 16.15 -12.73
C ILE A 164 24.44 15.30 -13.25
N PHE A 165 24.44 14.97 -14.55
CA PHE A 165 23.43 14.06 -15.07
C PHE A 165 23.57 12.66 -14.47
N ASN A 166 24.81 12.21 -14.24
CA ASN A 166 25.03 10.86 -13.71
C ASN A 166 25.01 10.81 -12.19
N LYS A 167 24.79 11.93 -11.52
CA LYS A 167 24.97 12.00 -10.08
C LYS A 167 23.83 11.31 -9.35
N GLN A 168 24.16 10.62 -8.25
CA GLN A 168 23.17 10.06 -7.35
C GLN A 168 22.98 11.01 -6.18
N TYR A 169 21.72 11.28 -5.83
CA TYR A 169 21.41 12.20 -4.74
C TYR A 169 20.95 11.48 -3.50
N ARG A 170 19.95 10.61 -3.63
CA ARG A 170 19.56 9.74 -2.54
C ARG A 170 20.25 8.41 -2.76
N PRO A 171 21.22 8.03 -1.92
CA PRO A 171 22.08 6.89 -2.24
C PRO A 171 21.33 5.56 -2.23
N LYS A 172 21.74 4.68 -3.14
CA LYS A 172 21.09 3.39 -3.30
C LYS A 172 21.46 2.45 -2.17
N ARG A 173 20.71 2.51 -1.07
CA ARG A 173 20.93 1.65 0.08
C ARG A 173 19.83 0.60 0.08
N PHE A 174 20.11 -0.56 -0.53
CA PHE A 174 19.13 -1.63 -0.58
C PHE A 174 19.79 -2.99 -0.40
N ASN A 175 20.85 -3.08 0.40
CA ASN A 175 21.50 -4.36 0.59
C ASN A 175 20.99 -5.09 1.82
N ASN A 176 20.94 -4.42 2.98
CA ASN A 176 20.51 -5.06 4.22
C ASN A 176 19.51 -4.18 4.97
N ARG A 177 18.48 -3.71 4.27
CA ARG A 177 17.56 -2.77 4.91
C ARG A 177 16.60 -3.47 5.87
N ILE A 178 15.77 -4.38 5.36
CA ILE A 178 14.98 -5.17 6.28
C ILE A 178 15.84 -6.33 6.78
N LEU A 179 15.65 -6.70 8.04
CA LEU A 179 16.52 -7.67 8.69
C LEU A 179 15.67 -8.64 9.48
N THR A 180 15.57 -9.88 9.00
CA THR A 180 15.13 -10.96 9.86
C THR A 180 16.16 -11.12 10.97
N LYS A 181 15.70 -11.21 12.21
CA LYS A 181 16.56 -10.94 13.35
C LYS A 181 16.98 -12.22 14.06
N CYS A 182 17.77 -12.05 15.13
CA CYS A 182 18.30 -13.18 15.88
C CYS A 182 17.17 -13.98 16.52
N LYS A 183 17.33 -15.29 16.52
CA LYS A 183 16.24 -16.23 16.80
C LYS A 183 16.48 -16.87 18.16
N VAL A 184 15.56 -16.66 19.09
CA VAL A 184 15.46 -17.54 20.24
C VAL A 184 14.78 -18.85 19.88
N GLU A 185 14.05 -18.86 18.76
CA GLU A 185 13.43 -20.02 18.14
C GLU A 185 12.85 -19.54 16.81
N ASP A 186 12.37 -20.47 15.99
CA ASP A 186 11.82 -20.21 14.66
C ASP A 186 12.85 -19.45 13.85
N ASN A 190 20.56 -10.56 13.89
CA ASN A 190 20.21 -10.53 12.48
C ASN A 190 20.51 -11.87 11.83
N THR A 191 20.01 -12.07 10.62
CA THR A 191 20.27 -13.29 9.87
C THR A 191 20.91 -12.96 8.52
N PRO A 192 21.81 -13.80 8.04
CA PRO A 192 22.50 -13.50 6.78
C PRO A 192 21.70 -13.92 5.55
N LEU A 193 22.11 -13.36 4.42
CA LEU A 193 21.50 -13.68 3.14
C LEU A 193 21.81 -15.11 2.74
N ARG A 194 20.96 -15.66 1.87
CA ARG A 194 21.28 -16.93 1.22
C ARG A 194 22.49 -16.81 0.29
N LYS A 195 22.85 -15.59 -0.09
CA LYS A 195 24.00 -15.36 -0.95
C LYS A 195 25.30 -15.78 -0.29
N ASN A 196 25.42 -15.56 1.02
CA ASN A 196 26.71 -15.62 1.70
C ASN A 196 26.93 -16.90 2.50
N VAL A 197 25.90 -17.68 2.79
CA VAL A 197 26.06 -18.85 3.65
C VAL A 197 25.66 -20.12 2.90
N ARG A 198 25.90 -20.13 1.58
CA ARG A 198 25.44 -21.20 0.69
C ARG A 198 25.96 -22.57 1.11
N ASP A 199 27.16 -22.61 1.69
CA ASP A 199 27.76 -23.89 2.11
C ASP A 199 26.92 -24.59 3.18
N LEU A 200 26.34 -23.82 4.10
CA LEU A 200 25.49 -24.42 5.12
C LEU A 200 24.22 -25.00 4.51
N LEU A 201 23.63 -24.33 3.52
CA LEU A 201 22.44 -24.87 2.86
C LEU A 201 22.75 -26.16 2.11
N ILE A 202 23.86 -26.19 1.36
CA ILE A 202 24.13 -27.42 0.60
C ILE A 202 24.54 -28.53 1.56
N GLU A 203 25.17 -28.21 2.70
CA GLU A 203 25.44 -29.24 3.69
C GLU A 203 24.14 -29.79 4.27
N ASN A 204 23.16 -28.91 4.50
CA ASN A 204 21.85 -29.34 4.98
C ASN A 204 21.16 -30.24 3.95
N ILE A 205 21.42 -30.01 2.66
CA ILE A 205 20.91 -30.94 1.65
C ILE A 205 21.64 -32.29 1.74
N VAL A 206 22.96 -32.26 1.84
CA VAL A 206 23.72 -33.51 1.87
C VAL A 206 23.77 -34.15 3.24
N ARG A 207 23.12 -33.56 4.25
CA ARG A 207 23.08 -34.14 5.58
C ARG A 207 22.33 -35.47 5.60
N PHE A 208 21.35 -35.64 4.73
CA PHE A 208 20.48 -36.81 4.72
C PHE A 208 20.73 -37.71 3.52
N PHE A 209 22.00 -37.81 3.09
CA PHE A 209 22.39 -38.67 1.98
C PHE A 209 22.98 -39.98 2.48
N PRO A 210 22.79 -41.08 1.75
CA PRO A 210 23.28 -42.39 2.21
C PRO A 210 24.77 -42.62 1.99
N ILE A 211 25.52 -41.64 1.49
CA ILE A 211 26.95 -41.79 1.26
C ILE A 211 27.68 -40.72 2.07
N GLU A 212 28.80 -41.11 2.67
CA GLU A 212 29.54 -40.26 3.60
C GLU A 212 30.77 -39.65 2.95
N SER A 213 31.64 -40.47 2.34
CA SER A 213 32.91 -39.98 1.82
C SER A 213 32.75 -39.08 0.61
N GLU A 214 31.60 -39.07 -0.04
CA GLU A 214 31.35 -38.23 -1.20
C GLU A 214 30.72 -36.90 -0.84
N LYS A 215 30.44 -36.67 0.46
CA LYS A 215 29.80 -35.42 0.89
C LYS A 215 30.69 -34.21 0.62
N ASP A 216 31.95 -34.29 1.06
CA ASP A 216 32.88 -33.17 0.84
C ASP A 216 33.23 -33.01 -0.63
N ASN A 217 33.27 -34.11 -1.39
CA ASN A 217 33.50 -34.01 -2.83
C ASN A 217 32.35 -33.29 -3.52
N LEU A 218 31.11 -33.60 -3.14
CA LEU A 218 29.97 -32.88 -3.70
C LEU A 218 29.93 -31.44 -3.23
N LYS A 219 30.41 -31.18 -2.00
CA LYS A 219 30.60 -29.82 -1.52
C LYS A 219 31.54 -29.03 -2.43
N ASP A 220 32.70 -29.61 -2.73
CA ASP A 220 33.66 -28.94 -3.61
C ASP A 220 33.13 -28.83 -5.03
N ALA A 221 32.26 -29.76 -5.45
CA ALA A 221 31.72 -29.72 -6.79
C ALA A 221 30.67 -28.62 -6.96
N VAL A 222 29.78 -28.47 -5.97
CA VAL A 222 28.69 -27.51 -6.11
C VAL A 222 29.20 -26.08 -6.03
N LEU A 223 30.08 -25.80 -5.06
CA LEU A 223 30.53 -24.43 -4.83
C LEU A 223 31.48 -23.93 -5.91
N ASP A 224 32.13 -24.83 -6.63
CA ASP A 224 33.09 -24.44 -7.67
C ASP A 224 32.37 -24.42 -9.02
N LYS A 225 32.46 -23.30 -9.72
CA LYS A 225 31.88 -23.19 -11.05
C LYS A 225 32.69 -23.92 -12.10
N ASN A 226 33.94 -24.26 -11.81
CA ASN A 226 34.74 -25.11 -12.68
C ASN A 226 34.42 -26.59 -12.51
N ARG A 227 33.62 -26.94 -11.51
CA ARG A 227 33.24 -28.32 -11.23
C ARG A 227 31.72 -28.50 -11.31
N ARG A 228 31.08 -27.73 -12.18
CA ARG A 228 29.63 -27.73 -12.30
C ARG A 228 29.13 -29.04 -12.89
N GLU A 229 29.94 -29.66 -13.76
CA GLU A 229 29.45 -30.77 -14.57
C GLU A 229 29.32 -32.06 -13.79
N GLU A 230 30.14 -32.28 -12.75
CA GLU A 230 30.12 -33.58 -12.09
C GLU A 230 28.99 -33.72 -11.07
N VAL A 231 28.27 -32.63 -10.78
CA VAL A 231 27.17 -32.70 -9.84
C VAL A 231 26.02 -33.54 -10.38
N LYS A 232 25.79 -33.50 -11.70
CA LYS A 232 24.68 -34.22 -12.31
C LYS A 232 24.83 -35.74 -12.24
N SER A 233 26.06 -36.23 -12.00
CA SER A 233 26.27 -37.68 -11.92
C SER A 233 25.62 -38.28 -10.68
N PHE A 234 25.51 -37.49 -9.60
CA PHE A 234 24.99 -38.01 -8.33
C PHE A 234 23.52 -38.39 -8.47
N PHE A 235 22.74 -37.58 -9.19
CA PHE A 235 21.30 -37.82 -9.31
C PHE A 235 20.98 -39.10 -10.05
N ARG A 236 21.87 -39.58 -10.91
CA ARG A 236 21.71 -40.88 -11.54
C ARG A 236 22.42 -41.98 -10.78
N LYS A 237 23.48 -41.65 -10.04
CA LYS A 237 24.22 -42.66 -9.29
C LYS A 237 23.44 -43.16 -8.09
N HIS A 238 22.71 -42.28 -7.41
CA HIS A 238 22.02 -42.63 -6.19
C HIS A 238 20.51 -42.46 -6.25
N LYS A 239 19.97 -42.00 -7.38
CA LYS A 239 18.53 -41.90 -7.64
C LYS A 239 17.82 -41.03 -6.59
N THR A 240 18.30 -39.80 -6.46
CA THR A 240 17.76 -38.87 -5.48
C THR A 240 16.39 -38.35 -5.94
N ASP A 241 15.66 -37.78 -4.98
CA ASP A 241 14.38 -37.16 -5.28
C ASP A 241 14.58 -35.91 -6.13
N GLU A 242 13.57 -35.62 -6.96
CA GLU A 242 13.62 -34.42 -7.80
C GLU A 242 13.64 -33.14 -6.98
N HIS A 243 13.06 -33.17 -5.77
CA HIS A 243 13.09 -32.01 -4.89
C HIS A 243 14.53 -31.74 -4.45
N ILE A 244 15.29 -32.81 -4.18
CA ILE A 244 16.69 -32.68 -3.81
C ILE A 244 17.50 -32.09 -4.96
N ARG A 245 17.25 -32.57 -6.18
CA ARG A 245 17.95 -32.03 -7.35
C ARG A 245 17.61 -30.56 -7.57
N LYS A 246 16.33 -30.21 -7.37
CA LYS A 246 15.92 -28.81 -7.49
C LYS A 246 16.61 -27.95 -6.44
N GLN A 247 16.76 -28.46 -5.22
CA GLN A 247 17.46 -27.71 -4.18
C GLN A 247 18.94 -27.53 -4.49
N VAL A 248 19.58 -28.59 -5.01
CA VAL A 248 21.00 -28.50 -5.37
C VAL A 248 21.21 -27.50 -6.50
N TYR A 249 20.33 -27.53 -7.51
CA TYR A 249 20.44 -26.55 -8.60
C TYR A 249 20.12 -25.14 -8.13
N ASP A 250 19.22 -25.00 -7.16
CA ASP A 250 18.93 -23.69 -6.59
C ASP A 250 20.15 -23.13 -5.85
N ILE A 251 20.84 -23.99 -5.09
CA ILE A 251 22.07 -23.56 -4.43
C ILE A 251 23.17 -23.31 -5.46
N ALA A 252 23.11 -23.96 -6.61
CA ALA A 252 24.12 -23.77 -7.64
C ALA A 252 23.99 -22.41 -8.32
N ASP A 253 24.26 -21.35 -7.55
CA ASP A 253 24.27 -19.95 -8.02
C ASP A 253 22.92 -19.54 -8.63
N ASN A 254 21.83 -20.05 -8.05
CA ASN A 254 20.49 -19.71 -8.52
C ASN A 254 19.65 -19.02 -7.47
N LYS A 255 19.52 -19.60 -6.28
CA LYS A 255 18.71 -19.00 -5.20
C LYS A 255 19.61 -18.09 -4.38
N LEU A 256 19.80 -16.88 -4.90
CA LEU A 256 20.66 -15.88 -4.27
C LEU A 256 19.87 -14.88 -3.41
N SER A 257 18.55 -14.88 -3.50
CA SER A 257 17.73 -13.89 -2.82
C SER A 257 17.07 -14.48 -1.58
N GLY A 258 16.87 -13.63 -0.59
CA GLY A 258 16.20 -14.00 0.64
C GLY A 258 17.17 -14.29 1.77
N ARG A 259 16.71 -14.06 3.00
CA ARG A 259 17.51 -14.31 4.19
C ARG A 259 17.15 -15.65 4.81
N THR A 260 18.16 -16.31 5.37
CA THR A 260 18.02 -17.58 6.05
C THR A 260 17.65 -17.34 7.51
N VAL A 261 17.72 -18.37 8.34
CA VAL A 261 17.32 -18.29 9.74
C VAL A 261 18.53 -18.35 10.67
N PHE A 262 19.75 -18.30 10.11
CA PHE A 262 20.98 -18.42 10.89
C PHE A 262 21.15 -17.23 11.83
N CYS A 263 21.47 -17.51 13.08
CA CYS A 263 21.90 -16.52 14.04
C CYS A 263 22.83 -17.22 15.03
N LYS A 264 23.00 -16.66 16.22
CA LYS A 264 23.75 -17.33 17.27
C LYS A 264 23.13 -18.65 17.69
N GLU A 265 21.85 -18.87 17.41
CA GLU A 265 21.15 -20.09 17.80
C GLU A 265 20.46 -20.68 16.57
N HIS A 266 20.28 -22.01 16.59
CA HIS A 266 19.78 -22.77 15.45
C HIS A 266 20.58 -22.47 14.19
N ILE A 267 21.91 -22.54 14.32
CA ILE A 267 22.79 -22.47 13.16
C ILE A 267 22.49 -23.61 12.21
N LEU A 268 22.38 -24.82 12.75
CA LEU A 268 22.19 -26.02 11.95
C LEU A 268 21.13 -26.94 12.52
N GLU A 269 20.71 -26.75 13.77
CA GLU A 269 19.78 -27.64 14.44
C GLU A 269 18.48 -26.91 14.73
N HIS A 270 17.55 -27.63 15.36
CA HIS A 270 16.25 -27.09 15.74
C HIS A 270 15.91 -27.51 17.16
N THR A 271 16.87 -27.32 18.06
CA THR A 271 16.65 -27.63 19.47
C THR A 271 15.71 -26.60 20.10
N GLU A 272 14.74 -27.07 20.87
CA GLU A 272 13.72 -26.22 21.47
C GLU A 272 14.02 -25.91 22.94
N HIS A 273 15.29 -25.79 23.30
CA HIS A 273 15.67 -25.48 24.66
C HIS A 273 15.76 -23.97 24.88
N SER A 274 15.87 -23.58 26.15
CA SER A 274 16.06 -22.19 26.60
C SER A 274 14.91 -21.30 26.13
N LYS A 275 13.72 -21.60 26.64
CA LYS A 275 12.54 -20.82 26.30
C LYS A 275 12.60 -19.43 26.94
N GLU A 276 12.17 -18.43 26.16
CA GLU A 276 12.09 -17.03 26.60
C GLU A 276 13.44 -16.49 27.07
N GLU A 277 14.47 -16.70 26.25
CA GLU A 277 15.78 -16.15 26.57
C GLU A 277 15.87 -14.66 26.26
N ARG A 278 15.16 -14.19 25.24
CA ARG A 278 15.25 -12.80 24.80
C ARG A 278 13.86 -12.19 24.69
N LYS A 279 13.83 -10.87 24.54
CA LYS A 279 12.59 -10.14 24.42
C LYS A 279 12.02 -10.26 23.00
N VAL A 280 10.81 -9.75 22.82
CA VAL A 280 10.09 -9.83 21.56
C VAL A 280 9.89 -8.43 21.01
N PHE A 281 10.23 -8.23 19.74
CA PHE A 281 10.12 -6.95 19.08
C PHE A 281 9.02 -6.99 18.02
N ARG A 282 8.70 -5.82 17.49
CA ARG A 282 7.53 -5.60 16.65
C ARG A 282 7.82 -5.67 15.16
N LEU A 283 8.73 -6.55 14.73
CA LEU A 283 9.10 -6.65 13.33
C LEU A 283 8.25 -7.70 12.61
N ALA A 284 7.03 -7.30 12.23
CA ALA A 284 6.21 -8.03 11.28
C ALA A 284 5.14 -7.12 10.69
N PRO A 285 5.48 -6.23 9.75
CA PRO A 285 4.53 -5.20 9.31
C PRO A 285 3.33 -5.79 8.60
N SER A 286 2.21 -5.05 8.66
CA SER A 286 0.90 -5.37 8.08
C SER A 286 0.21 -6.55 8.73
N LEU A 287 0.81 -7.17 9.74
CA LEU A 287 0.17 -8.21 10.52
C LEU A 287 -0.26 -7.72 11.89
N LYS A 288 0.43 -6.69 12.40
CA LYS A 288 -0.03 -5.95 13.57
C LYS A 288 -1.45 -5.44 13.38
N THR A 289 -1.79 -4.98 12.19
CA THR A 289 -3.12 -4.41 11.94
C THR A 289 -4.21 -5.43 12.24
N LYS A 290 -4.10 -6.64 11.69
CA LYS A 290 -5.13 -7.63 11.93
C LYS A 290 -5.03 -8.25 13.32
N ILE A 291 -3.83 -8.30 13.92
CA ILE A 291 -3.72 -8.83 15.28
C ILE A 291 -4.38 -7.88 16.28
N GLU A 292 -4.11 -6.58 16.18
CA GLU A 292 -4.85 -5.65 17.02
C GLU A 292 -6.30 -5.51 16.61
N ASN A 293 -6.67 -5.88 15.38
CA ASN A 293 -8.09 -5.94 15.06
C ASN A 293 -8.78 -7.06 15.83
N VAL A 294 -8.07 -8.18 16.03
CA VAL A 294 -8.58 -9.22 16.91
C VAL A 294 -8.62 -8.73 18.36
N LEU A 295 -7.55 -8.07 18.79
CA LEU A 295 -7.49 -7.66 20.19
C LEU A 295 -8.45 -6.51 20.51
N ALA A 296 -8.91 -5.78 19.49
CA ALA A 296 -9.90 -4.74 19.73
C ALA A 296 -11.21 -5.32 20.21
N VAL A 297 -11.71 -6.36 19.53
CA VAL A 297 -12.95 -6.98 19.98
C VAL A 297 -12.72 -7.80 21.25
N ILE A 298 -11.51 -8.36 21.43
CA ILE A 298 -11.19 -8.97 22.72
C ILE A 298 -11.31 -7.96 23.86
N LYS A 299 -10.69 -6.79 23.71
CA LYS A 299 -10.72 -5.75 24.74
C LYS A 299 -12.13 -5.20 24.94
N ASP A 300 -12.91 -5.10 23.86
CA ASP A 300 -14.23 -4.50 23.97
C ASP A 300 -15.29 -5.45 24.52
N GLU A 301 -15.12 -6.77 24.32
CA GLU A 301 -16.19 -7.70 24.61
C GLU A 301 -15.86 -8.77 25.64
N ILE A 302 -14.59 -8.94 26.03
CA ILE A 302 -14.19 -10.01 26.96
C ILE A 302 -13.77 -9.45 28.30
N LEU A 303 -12.74 -8.59 28.33
CA LEU A 303 -12.18 -8.12 29.59
C LEU A 303 -13.13 -7.34 30.50
N PRO A 304 -14.00 -6.42 30.02
CA PRO A 304 -14.95 -5.79 30.95
C PRO A 304 -15.96 -6.75 31.56
N LYS A 305 -16.23 -7.88 30.94
CA LYS A 305 -17.28 -8.79 31.39
C LYS A 305 -16.78 -10.15 31.86
N PHE A 306 -15.69 -10.66 31.30
CA PHE A 306 -15.22 -12.01 31.60
C PHE A 306 -13.81 -11.95 32.20
N THR A 307 -13.49 -12.99 32.99
CA THR A 307 -12.14 -13.21 33.50
C THR A 307 -11.73 -14.62 33.09
N VAL A 308 -10.65 -14.72 32.32
CA VAL A 308 -10.24 -15.97 31.68
C VAL A 308 -9.00 -16.50 32.37
N ASN A 309 -9.03 -17.78 32.74
CA ASN A 309 -7.90 -18.41 33.40
C ASN A 309 -6.86 -18.92 32.40
N LYS A 310 -7.27 -19.32 31.20
CA LYS A 310 -6.34 -19.89 30.24
C LYS A 310 -6.77 -19.55 28.83
N VAL A 311 -5.83 -19.09 28.01
CA VAL A 311 -6.08 -18.70 26.63
C VAL A 311 -5.33 -19.65 25.71
N VAL A 312 -6.01 -20.16 24.69
CA VAL A 312 -5.42 -21.08 23.72
C VAL A 312 -5.65 -20.53 22.33
N MET A 313 -4.59 -20.47 21.53
CA MET A 313 -4.74 -20.26 20.08
C MET A 313 -4.34 -21.55 19.37
N ALA A 447 7.68 -21.20 17.65
CA ALA A 447 6.43 -20.51 17.34
C ALA A 447 6.69 -19.31 16.44
N SER A 448 5.66 -18.90 15.69
CA SER A 448 5.82 -17.83 14.72
C SER A 448 5.99 -16.48 15.42
N ILE A 449 6.51 -15.52 14.65
CA ILE A 449 6.74 -14.17 15.17
C ILE A 449 5.41 -13.49 15.53
N GLY A 450 4.41 -13.66 14.67
CA GLY A 450 3.09 -13.11 14.98
C GLY A 450 2.45 -13.78 16.16
N TRP A 451 2.64 -15.10 16.30
CA TRP A 451 2.14 -15.83 17.45
C TRP A 451 2.77 -15.33 18.75
N ARG A 452 4.09 -15.11 18.73
CA ARG A 452 4.78 -14.60 19.91
C ARG A 452 4.35 -13.18 20.24
N TYR A 453 4.20 -12.34 19.21
CA TYR A 453 3.71 -10.98 19.41
C TYR A 453 2.32 -10.97 20.00
N MET A 454 1.43 -11.83 19.49
CA MET A 454 0.07 -11.89 19.99
C MET A 454 0.03 -12.36 21.44
N ARG A 455 0.88 -13.34 21.78
CA ARG A 455 0.99 -13.78 23.18
C ARG A 455 1.40 -12.62 24.08
N ASP A 456 2.42 -11.87 23.68
CA ASP A 456 2.87 -10.75 24.50
C ASP A 456 1.80 -9.67 24.61
N ARG A 457 1.03 -9.47 23.54
CA ARG A 457 -0.01 -8.44 23.58
C ARG A 457 -1.19 -8.84 24.47
N LEU A 458 -1.59 -10.12 24.44
CA LEU A 458 -2.62 -10.54 25.41
C LEU A 458 -2.13 -10.48 26.85
N ARG A 459 -0.87 -10.86 27.11
CA ARG A 459 -0.42 -10.69 28.49
C ARG A 459 -0.19 -9.23 28.87
N GLU A 460 -0.04 -8.33 27.90
CA GLU A 460 -0.05 -6.91 28.21
C GLU A 460 -1.45 -6.43 28.55
N SER A 461 -2.44 -6.84 27.73
CA SER A 461 -3.78 -6.29 27.84
C SER A 461 -4.56 -6.88 29.02
N ALA A 462 -4.30 -8.14 29.36
CA ALA A 462 -5.06 -8.80 30.43
C ALA A 462 -4.65 -8.33 31.81
N GLY A 463 -3.60 -7.53 31.94
CA GLY A 463 -3.12 -7.14 33.25
C GLY A 463 -2.41 -8.23 34.00
N ASN A 464 -1.91 -9.24 33.28
CA ASN A 464 -1.23 -10.38 33.89
C ASN A 464 -0.06 -10.72 32.98
N LYS A 465 1.16 -10.48 33.45
CA LYS A 465 2.34 -10.81 32.65
C LYS A 465 2.63 -12.31 32.62
N LYS A 466 1.96 -13.11 33.45
CA LYS A 466 2.17 -14.55 33.51
C LYS A 466 0.89 -15.31 33.17
N LEU A 467 0.07 -14.77 32.29
CA LEU A 467 -1.17 -15.44 31.90
C LEU A 467 -0.84 -16.65 31.03
N PRO A 468 -1.46 -17.81 31.29
CA PRO A 468 -1.14 -19.01 30.48
C PRO A 468 -1.68 -18.94 29.06
N ILE A 469 -0.77 -18.86 28.10
CA ILE A 469 -1.12 -18.91 26.67
C ILE A 469 -0.28 -20.00 26.04
N GLU A 470 -0.96 -21.04 25.52
CA GLU A 470 -0.29 -22.23 25.03
C GLU A 470 -0.82 -22.60 23.66
N ARG A 471 0.00 -23.29 22.89
CA ARG A 471 -0.34 -23.77 21.56
C ARG A 471 -1.12 -25.08 21.64
N THR A 493 -19.02 -18.61 7.52
CA THR A 493 -18.07 -19.61 7.96
C THR A 493 -18.18 -19.87 9.45
N LEU A 494 -19.32 -20.44 9.86
CA LEU A 494 -19.55 -20.77 11.26
C LEU A 494 -18.65 -21.90 11.76
N HIS A 495 -18.00 -22.64 10.84
CA HIS A 495 -17.05 -23.66 11.25
C HIS A 495 -15.84 -23.05 11.94
N HIS A 496 -15.48 -21.80 11.61
CA HIS A 496 -14.42 -21.11 12.34
C HIS A 496 -14.82 -20.86 13.79
N ALA A 497 -16.06 -20.44 14.03
CA ALA A 497 -16.55 -20.27 15.39
C ALA A 497 -16.64 -21.61 16.12
N LEU A 498 -17.01 -22.67 15.39
CA LEU A 498 -17.04 -24.00 15.98
C LEU A 498 -15.64 -24.46 16.38
N ASP A 499 -14.64 -24.19 15.54
CA ASP A 499 -13.26 -24.51 15.88
C ASP A 499 -12.77 -23.69 17.06
N ALA A 500 -13.21 -22.43 17.15
CA ALA A 500 -12.88 -21.61 18.32
C ALA A 500 -13.49 -22.18 19.59
N VAL A 501 -14.73 -22.68 19.50
CA VAL A 501 -15.38 -23.29 20.66
C VAL A 501 -14.67 -24.59 21.05
N ILE A 502 -14.21 -25.35 20.05
CA ILE A 502 -13.45 -26.57 20.32
C ILE A 502 -12.13 -26.24 20.99
N LEU A 503 -11.46 -25.18 20.55
CA LEU A 503 -10.19 -24.77 21.14
C LEU A 503 -10.36 -24.31 22.58
N ALA A 504 -11.54 -23.75 22.92
CA ALA A 504 -11.80 -23.32 24.28
C ALA A 504 -12.32 -24.48 25.12
N ILE A 539 -20.34 -11.20 9.84
CA ILE A 539 -20.56 -10.08 10.74
C ILE A 539 -19.23 -9.57 11.30
N GLU A 540 -19.27 -8.38 11.90
CA GLU A 540 -18.14 -7.74 12.58
C GLU A 540 -16.96 -7.54 11.62
N PHE A 541 -17.18 -6.63 10.67
CA PHE A 541 -16.15 -6.23 9.72
C PHE A 541 -15.46 -4.95 10.21
N LYS A 542 -14.24 -4.76 9.74
CA LYS A 542 -13.46 -3.54 10.01
C LYS A 542 -13.12 -2.86 8.69
N MET A 543 -13.18 -1.53 8.69
CA MET A 543 -12.74 -0.71 7.56
C MET A 543 -12.60 0.73 8.04
N ASP A 544 -11.69 1.48 7.40
CA ASP A 544 -11.46 2.88 7.74
C ASP A 544 -10.64 3.55 6.65
N LYS A 545 -10.95 4.84 6.42
CA LYS A 545 -10.05 5.72 5.67
C LYS A 545 -10.03 7.14 6.24
N GLY A 546 -10.71 7.40 7.35
CA GLY A 546 -10.80 8.74 7.89
C GLY A 546 -9.78 9.13 8.93
N SER A 547 -8.79 8.29 9.21
CA SER A 547 -7.82 8.56 10.26
C SER A 547 -6.84 9.64 9.82
N ARG A 548 -5.96 10.05 10.74
CA ARG A 548 -4.97 11.07 10.41
C ARG A 548 -3.85 10.52 9.53
N GLY A 549 -3.66 9.20 9.52
CA GLY A 549 -2.61 8.62 8.71
C GLY A 549 -2.96 8.47 7.25
N SER A 550 -4.24 8.63 6.88
CA SER A 550 -4.68 8.34 5.54
C SER A 550 -4.63 9.59 4.66
N ALA A 551 -5.01 9.42 3.39
CA ALA A 551 -4.80 10.46 2.39
C ALA A 551 -5.77 11.61 2.58
N LEU A 552 -5.25 12.83 2.47
CA LEU A 552 -6.09 14.01 2.56
C LEU A 552 -6.98 14.15 1.34
N HIS A 553 -6.46 13.83 0.16
CA HIS A 553 -7.15 14.14 -1.09
C HIS A 553 -6.69 13.16 -2.16
N ASP A 554 -7.42 13.17 -3.28
CA ASP A 554 -7.15 12.24 -4.36
C ASP A 554 -5.85 12.59 -5.08
N ARG A 555 -5.28 11.58 -5.74
CA ARG A 555 -3.93 11.71 -6.29
C ARG A 555 -3.92 12.57 -7.55
N ASN A 556 -4.88 12.37 -8.45
CA ASN A 556 -4.90 13.08 -9.72
C ASN A 556 -5.69 14.37 -9.58
N PRO A 557 -5.08 15.53 -9.82
CA PRO A 557 -5.78 16.79 -9.62
C PRO A 557 -6.82 17.06 -10.71
N LEU A 558 -7.81 17.88 -10.36
CA LEU A 558 -8.93 18.17 -11.22
C LEU A 558 -8.90 19.62 -11.65
N SER A 559 -9.37 19.89 -12.86
CA SER A 559 -9.52 21.27 -13.34
C SER A 559 -10.80 21.86 -12.77
N TYR A 560 -10.71 23.07 -12.22
CA TYR A 560 -11.86 23.75 -11.63
C TYR A 560 -11.86 25.17 -12.16
N LYS A 561 -12.49 25.37 -13.31
CA LYS A 561 -12.60 26.68 -13.95
C LYS A 561 -14.06 27.03 -14.13
N LYS A 562 -14.42 28.27 -13.77
CA LYS A 562 -15.75 28.84 -13.94
C LYS A 562 -16.82 28.05 -13.22
N GLY A 563 -16.46 27.33 -12.16
CA GLY A 563 -17.39 26.44 -11.50
C GLY A 563 -17.62 25.13 -12.21
N ILE A 564 -16.87 24.85 -13.27
CA ILE A 564 -17.01 23.62 -14.06
C ILE A 564 -15.82 22.73 -13.75
N ILE A 565 -16.11 21.47 -13.43
CA ILE A 565 -15.10 20.51 -12.97
C ILE A 565 -14.81 19.55 -14.11
N THR A 566 -13.55 19.53 -14.57
CA THR A 566 -13.18 18.80 -15.79
C THR A 566 -11.85 18.08 -15.61
N ARG A 567 -11.65 17.07 -16.47
CA ARG A 567 -10.45 16.23 -16.48
C ARG A 567 -10.26 15.65 -17.88
N ARG A 568 -9.03 15.68 -18.37
CA ARG A 568 -8.68 14.91 -19.56
C ARG A 568 -8.74 13.43 -19.26
N PHE A 569 -9.13 12.64 -20.25
CA PHE A 569 -8.92 11.20 -20.20
C PHE A 569 -8.54 10.68 -21.58
N MET A 570 -7.90 9.52 -21.57
CA MET A 570 -7.66 8.78 -22.80
C MET A 570 -9.00 8.40 -23.41
N VAL A 571 -9.06 8.40 -24.75
CA VAL A 571 -10.25 7.88 -25.41
C VAL A 571 -10.38 6.38 -25.16
N THR A 572 -9.25 5.68 -25.08
CA THR A 572 -9.20 4.25 -24.87
C THR A 572 -9.60 3.82 -23.46
N GLU A 573 -9.96 4.74 -22.58
CA GLU A 573 -10.38 4.39 -21.23
C GLU A 573 -11.90 4.45 -21.07
N ILE A 574 -12.56 5.45 -21.68
CA ILE A 574 -14.00 5.60 -21.55
C ILE A 574 -14.73 4.43 -22.19
N GLU A 575 -15.73 3.91 -21.51
CA GLU A 575 -16.45 2.72 -21.95
C GLU A 575 -17.88 3.08 -22.34
N CYS A 576 -18.64 2.06 -22.75
CA CYS A 576 -19.94 2.25 -23.40
C CYS A 576 -20.99 2.83 -22.47
N GLY A 577 -20.81 2.74 -21.16
CA GLY A 577 -21.79 3.30 -20.26
C GLY A 577 -21.71 4.80 -20.09
N LYS A 578 -20.72 5.45 -20.70
CA LYS A 578 -20.42 6.85 -20.47
C LYS A 578 -20.40 7.59 -21.81
N GLU A 579 -21.49 7.46 -22.57
CA GLU A 579 -21.52 7.90 -23.97
C GLU A 579 -21.33 9.41 -24.09
N ASP A 580 -22.12 10.17 -23.33
CA ASP A 580 -22.28 11.59 -23.61
C ASP A 580 -21.82 12.46 -22.46
N ASP A 581 -20.66 12.15 -21.90
CA ASP A 581 -20.08 13.02 -20.87
C ASP A 581 -19.01 13.93 -21.45
N VAL A 582 -18.46 13.58 -22.62
CA VAL A 582 -17.40 14.34 -23.26
C VAL A 582 -17.90 15.72 -23.67
N ILE A 583 -17.02 16.71 -23.61
CA ILE A 583 -17.42 18.09 -23.91
C ILE A 583 -17.52 18.30 -25.41
N SER A 584 -16.47 17.93 -26.15
CA SER A 584 -16.40 18.22 -27.58
C SER A 584 -17.35 17.30 -28.35
N GLU A 585 -18.13 17.91 -29.24
CA GLU A 585 -19.25 17.19 -29.87
C GLU A 585 -18.77 16.19 -30.91
N THR A 586 -17.81 16.60 -31.75
CA THR A 586 -17.41 15.76 -32.89
C THR A 586 -16.72 14.48 -32.44
N TYR A 587 -15.84 14.58 -31.44
CA TYR A 587 -15.18 13.39 -30.94
C TYR A 587 -16.13 12.52 -30.13
N ARG A 588 -17.12 13.13 -29.48
CA ARG A 588 -18.20 12.40 -28.84
C ARG A 588 -18.96 11.54 -29.86
N GLU A 589 -19.30 12.15 -31.01
CA GLU A 589 -19.99 11.42 -32.07
C GLU A 589 -19.13 10.31 -32.64
N LYS A 590 -17.84 10.59 -32.89
CA LYS A 590 -16.97 9.54 -33.41
C LYS A 590 -16.79 8.41 -32.39
N LEU A 591 -16.81 8.75 -31.10
CA LEU A 591 -16.75 7.75 -30.06
C LEU A 591 -17.96 6.82 -30.09
N LYS A 592 -19.16 7.38 -30.26
CA LYS A 592 -20.32 6.49 -30.24
C LYS A 592 -20.47 5.69 -31.54
N GLU A 593 -20.11 6.28 -32.70
CA GLU A 593 -20.07 5.44 -33.90
C GLU A 593 -18.99 4.37 -33.81
N ALA A 594 -17.87 4.65 -33.14
CA ALA A 594 -16.86 3.61 -32.95
C ALA A 594 -17.31 2.56 -31.96
N PHE A 595 -18.21 2.93 -31.04
CA PHE A 595 -18.82 1.94 -30.17
C PHE A 595 -19.73 0.99 -30.94
N LYS A 596 -20.52 1.52 -31.87
CA LYS A 596 -21.35 0.63 -32.68
C LYS A 596 -20.57 -0.09 -33.77
N ARG A 597 -19.40 0.44 -34.16
CA ARG A 597 -18.60 -0.22 -35.19
C ARG A 597 -17.98 -1.51 -34.69
N PHE A 598 -17.56 -1.54 -33.43
CA PHE A 598 -16.90 -2.69 -32.86
C PHE A 598 -17.84 -3.42 -31.91
N ASP A 599 -17.36 -4.56 -31.40
CA ASP A 599 -18.07 -5.35 -30.40
C ASP A 599 -17.89 -4.82 -28.99
N THR A 600 -17.32 -3.62 -28.83
CA THR A 600 -17.11 -3.04 -27.50
C THR A 600 -18.43 -2.57 -26.93
N LYS A 601 -19.12 -3.46 -26.23
CA LYS A 601 -20.40 -3.18 -25.60
C LYS A 601 -20.17 -2.67 -24.18
N LYS A 602 -21.21 -2.69 -23.35
CA LYS A 602 -21.20 -2.13 -22.01
C LYS A 602 -20.07 -2.68 -21.15
N GLY A 603 -19.34 -1.78 -20.49
CA GLY A 603 -18.31 -2.14 -19.54
C GLY A 603 -16.93 -2.40 -20.13
N LYS A 604 -16.79 -2.39 -21.44
CA LYS A 604 -15.50 -2.70 -22.08
C LYS A 604 -14.80 -1.42 -22.51
N CYS A 605 -13.53 -1.30 -22.14
CA CYS A 605 -12.68 -0.22 -22.62
C CYS A 605 -12.10 -0.57 -23.98
N LEU A 606 -11.80 0.45 -24.76
CA LEU A 606 -11.22 0.23 -26.09
C LEU A 606 -9.79 -0.27 -25.97
N THR A 607 -9.38 -1.06 -26.96
CA THR A 607 -8.03 -1.61 -27.00
C THR A 607 -7.17 -0.85 -28.01
N ASP A 608 -5.90 -1.24 -28.08
CA ASP A 608 -5.00 -0.66 -29.07
C ASP A 608 -5.33 -1.15 -30.48
N LYS A 609 -5.82 -2.38 -30.60
CA LYS A 609 -6.30 -2.85 -31.90
C LYS A 609 -7.53 -2.07 -32.34
N GLU A 610 -8.39 -1.71 -31.39
CA GLU A 610 -9.49 -0.81 -31.70
C GLU A 610 -8.99 0.61 -31.94
N ALA A 611 -7.84 0.96 -31.36
CA ALA A 611 -7.20 2.23 -31.65
C ALA A 611 -6.48 2.24 -32.98
N LYS A 612 -6.32 1.08 -33.62
CA LYS A 612 -5.77 1.05 -34.98
C LYS A 612 -6.70 1.71 -35.98
N GLU A 613 -8.01 1.68 -35.74
CA GLU A 613 -8.92 2.63 -36.37
C GLU A 613 -8.85 3.87 -35.49
N ALA A 614 -8.02 4.81 -35.89
CA ALA A 614 -7.53 5.84 -34.98
C ALA A 614 -8.56 6.94 -34.76
N GLY A 615 -8.46 7.58 -33.59
CA GLY A 615 -9.07 8.88 -33.39
C GLY A 615 -8.22 9.96 -34.03
N PHE A 616 -8.71 11.20 -33.93
CA PHE A 616 -8.06 12.31 -34.60
C PHE A 616 -6.72 12.66 -33.96
N CYS A 617 -5.68 12.73 -34.79
CA CYS A 617 -4.34 13.18 -34.42
C CYS A 617 -3.74 12.31 -33.32
N ILE A 618 -3.40 11.08 -33.72
CA ILE A 618 -2.64 10.16 -32.87
C ILE A 618 -1.40 10.86 -32.31
N LYS A 619 -1.14 10.63 -31.03
CA LYS A 619 -0.03 11.26 -30.32
C LYS A 619 1.32 10.92 -30.95
N LYS A 620 2.31 11.75 -30.66
CA LYS A 620 3.65 11.55 -31.16
C LYS A 620 4.28 10.27 -30.61
N ASN A 621 3.93 9.90 -29.39
CA ASN A 621 4.59 8.79 -28.70
C ASN A 621 3.85 7.46 -28.79
N GLU A 622 2.52 7.47 -28.82
CA GLU A 622 1.77 6.22 -28.89
C GLU A 622 0.40 6.50 -29.50
N LEU A 623 -0.31 5.42 -29.84
CA LEU A 623 -1.53 5.50 -30.64
C LEU A 623 -2.77 5.63 -29.74
N VAL A 624 -2.85 6.76 -29.04
CA VAL A 624 -4.00 7.11 -28.22
C VAL A 624 -4.44 8.53 -28.58
N MET A 625 -5.47 9.01 -27.90
CA MET A 625 -5.91 10.39 -28.04
C MET A 625 -6.72 10.77 -26.80
N SER A 626 -6.66 12.06 -26.44
CA SER A 626 -7.21 12.54 -25.17
C SER A 626 -8.30 13.58 -25.41
N LEU A 627 -9.34 13.53 -24.56
CA LEU A 627 -10.45 14.46 -24.60
C LEU A 627 -10.74 14.94 -23.18
N LYS A 628 -11.31 16.14 -23.07
CA LYS A 628 -11.80 16.55 -21.76
C LYS A 628 -13.11 15.85 -21.45
N CYS A 629 -13.43 15.79 -20.17
CA CYS A 629 -14.66 15.16 -19.73
C CYS A 629 -15.07 15.80 -18.41
N SER A 630 -16.35 15.68 -18.08
CA SER A 630 -16.90 16.24 -16.86
C SER A 630 -17.10 15.13 -15.84
N ILE A 631 -16.83 15.43 -14.58
CA ILE A 631 -16.87 14.43 -13.52
C ILE A 631 -18.06 14.69 -12.62
N LYS A 632 -18.92 13.68 -12.48
CA LYS A 632 -20.03 13.72 -11.57
C LYS A 632 -19.58 13.25 -10.19
N GLY A 633 -20.51 13.21 -9.24
CA GLY A 633 -20.19 12.76 -7.90
C GLY A 633 -19.20 13.64 -7.18
N THR A 634 -19.26 14.95 -7.39
CA THR A 634 -18.25 15.86 -6.88
C THR A 634 -18.87 17.26 -6.82
N GLY A 635 -18.65 17.97 -5.71
CA GLY A 635 -19.28 19.24 -5.52
C GLY A 635 -18.32 20.32 -5.09
N PRO A 636 -18.81 21.57 -5.01
CA PRO A 636 -17.94 22.68 -4.58
C PRO A 636 -17.40 22.54 -3.17
N GLY A 637 -18.08 21.80 -2.30
CA GLY A 637 -17.63 21.68 -0.93
C GLY A 637 -16.40 20.82 -0.76
N GLN A 638 -16.09 19.98 -1.73
CA GLN A 638 -14.94 19.11 -1.67
C GLN A 638 -13.69 19.70 -2.31
N MET A 639 -13.75 20.92 -2.82
CA MET A 639 -12.62 21.51 -3.51
C MET A 639 -11.65 22.14 -2.53
N ILE A 640 -10.39 21.71 -2.61
CA ILE A 640 -9.28 22.38 -1.95
C ILE A 640 -8.26 22.72 -3.01
N ARG A 641 -7.54 23.80 -2.82
CA ARG A 641 -6.48 24.19 -3.74
C ARG A 641 -5.18 24.26 -2.97
N ILE A 642 -4.20 23.47 -3.41
CA ILE A 642 -2.87 23.44 -2.83
C ILE A 642 -1.92 23.88 -3.91
N ASN A 643 -1.22 25.00 -3.68
CA ASN A 643 -0.44 25.72 -4.69
C ASN A 643 -1.33 26.03 -5.89
N ASN A 644 -0.94 25.55 -7.07
CA ASN A 644 -1.75 25.74 -8.26
C ASN A 644 -2.78 24.64 -8.49
N ASN A 645 -2.66 23.52 -7.80
CA ASN A 645 -3.45 22.35 -8.12
C ASN A 645 -4.81 22.43 -7.44
N VAL A 646 -5.76 21.64 -7.94
CA VAL A 646 -7.07 21.47 -7.30
C VAL A 646 -7.38 19.98 -7.23
N PHE A 647 -7.57 19.46 -6.02
CA PHE A 647 -7.95 18.08 -5.82
C PHE A 647 -9.27 18.03 -5.07
N LYS A 648 -9.96 16.90 -5.15
CA LYS A 648 -11.13 16.68 -4.32
C LYS A 648 -10.73 15.81 -3.13
N THR A 649 -11.50 15.95 -2.06
CA THR A 649 -11.20 15.26 -0.82
C THR A 649 -12.46 14.56 -0.30
N ASN A 650 -12.26 13.46 0.41
CA ASN A 650 -13.35 12.75 1.07
C ASN A 650 -13.24 12.78 2.58
N VAL A 651 -12.30 13.57 3.12
CA VAL A 651 -12.09 13.70 4.55
C VAL A 651 -12.43 15.10 5.05
N HIS A 652 -13.18 15.87 4.25
CA HIS A 652 -13.36 17.29 4.51
C HIS A 652 -14.24 17.57 5.73
N ASN A 653 -15.00 16.59 6.20
CA ASN A 653 -15.80 16.75 7.41
C ASN A 653 -15.22 15.90 8.52
N VAL A 654 -15.01 16.50 9.68
CA VAL A 654 -14.53 15.77 10.86
C VAL A 654 -15.55 15.75 11.99
N GLY A 655 -16.62 16.55 11.92
CA GLY A 655 -17.61 16.54 12.98
C GLY A 655 -18.80 17.38 12.60
N VAL A 656 -19.88 17.18 13.36
CA VAL A 656 -21.12 17.92 13.19
C VAL A 656 -21.36 18.72 14.46
N ASP A 657 -21.36 20.04 14.35
CA ASP A 657 -21.57 20.93 15.48
C ASP A 657 -23.02 21.39 15.49
N VAL A 658 -23.75 21.03 16.53
CA VAL A 658 -25.15 21.42 16.67
C VAL A 658 -25.21 22.72 17.46
N TYR A 659 -25.90 23.70 16.90
CA TYR A 659 -26.04 25.02 17.52
C TYR A 659 -27.51 25.31 17.78
N LEU A 660 -27.77 26.03 18.86
CA LEU A 660 -29.08 26.60 19.12
C LEU A 660 -28.90 28.08 19.46
N ASP A 661 -29.84 28.91 19.00
CA ASP A 661 -29.71 30.34 19.16
C ASP A 661 -31.09 30.99 19.07
N GLU A 662 -31.14 32.25 19.51
CA GLU A 662 -32.34 33.11 19.50
C GLU A 662 -33.43 32.43 20.31
N LYS A 663 -34.60 32.14 19.74
CA LYS A 663 -35.69 31.51 20.48
C LYS A 663 -35.52 30.01 20.62
N GLY A 664 -34.44 29.43 20.10
CA GLY A 664 -34.23 28.01 20.18
C GLY A 664 -34.13 27.35 18.82
N LYS A 665 -33.66 28.10 17.83
CA LYS A 665 -33.48 27.55 16.49
C LYS A 665 -32.30 26.59 16.51
N LYS A 666 -32.60 25.30 16.57
CA LYS A 666 -31.58 24.26 16.71
C LYS A 666 -31.18 23.81 15.31
N LYS A 667 -29.96 24.15 14.90
CA LYS A 667 -29.45 23.81 13.58
C LYS A 667 -28.01 23.39 13.68
N ALA A 668 -27.56 22.62 12.69
CA ALA A 668 -26.24 22.00 12.71
C ALA A 668 -25.38 22.48 11.56
N TYR A 669 -24.08 22.57 11.82
CA TYR A 669 -23.09 22.86 10.79
C TYR A 669 -22.06 21.73 10.78
N GLU A 670 -21.33 21.64 9.67
CA GLU A 670 -20.23 20.69 9.56
C GLU A 670 -18.95 21.32 10.09
N ARG A 671 -18.17 20.54 10.82
CA ARG A 671 -16.83 20.95 11.24
C ARG A 671 -15.86 20.58 10.13
N LYS A 672 -15.34 21.57 9.43
CA LYS A 672 -14.37 21.30 8.38
C LYS A 672 -13.04 20.86 8.99
N ASN A 673 -12.28 20.11 8.19
CA ASN A 673 -11.08 19.44 8.69
C ASN A 673 -10.01 20.50 8.98
N PRO A 674 -9.46 20.52 10.20
CA PRO A 674 -8.47 21.56 10.55
C PRO A 674 -7.21 21.52 9.71
N ARG A 675 -6.81 20.35 9.22
CA ARG A 675 -5.61 20.24 8.39
C ARG A 675 -5.79 20.90 7.04
N LEU A 676 -7.03 21.01 6.56
CA LEU A 676 -7.33 21.53 5.24
C LEU A 676 -8.07 22.85 5.27
N SER A 677 -8.37 23.38 6.46
CA SER A 677 -9.34 24.47 6.60
C SER A 677 -8.89 25.75 5.91
N LYS A 678 -7.60 25.96 5.77
CA LYS A 678 -7.08 27.13 5.08
C LYS A 678 -6.95 26.92 3.57
N HIS A 679 -7.35 25.75 3.06
CA HIS A 679 -7.19 25.44 1.65
C HIS A 679 -8.50 25.29 0.89
N PHE A 680 -9.65 25.28 1.57
CA PHE A 680 -10.92 25.13 0.87
C PHE A 680 -11.21 26.34 -0.02
N ILE A 681 -11.69 26.05 -1.23
CA ILE A 681 -12.09 27.12 -2.14
C ILE A 681 -13.35 27.79 -1.63
N GLU A 682 -14.34 27.00 -1.24
CA GLU A 682 -15.56 27.53 -0.66
C GLU A 682 -15.28 28.00 0.76
N PRO A 683 -15.70 29.22 1.14
CA PRO A 683 -15.54 29.65 2.52
C PRO A 683 -16.41 28.81 3.45
N PRO A 684 -15.96 28.55 4.68
CA PRO A 684 -16.70 27.67 5.56
C PRO A 684 -17.86 28.39 6.24
N PRO A 685 -19.10 28.01 5.92
CA PRO A 685 -20.26 28.76 6.42
C PRO A 685 -20.50 28.49 7.90
N GLN A 686 -20.44 29.55 8.70
CA GLN A 686 -20.73 29.41 10.11
C GLN A 686 -21.30 30.74 10.58
N PRO A 687 -22.58 30.79 10.96
CA PRO A 687 -23.11 31.95 11.66
C PRO A 687 -23.02 31.76 13.18
N ASN A 688 -23.20 32.87 13.89
CA ASN A 688 -22.97 32.88 15.32
C ASN A 688 -24.04 32.09 16.07
N GLY A 689 -23.65 31.50 17.18
CA GLY A 689 -24.56 30.74 18.01
C GLY A 689 -23.82 30.10 19.16
N ARG A 690 -24.58 29.37 19.98
CA ARG A 690 -24.03 28.66 21.12
C ARG A 690 -23.91 27.18 20.76
N VAL A 691 -22.67 26.67 20.78
CA VAL A 691 -22.42 25.27 20.46
C VAL A 691 -22.79 24.42 21.67
N SER A 692 -23.85 23.62 21.51
CA SER A 692 -24.34 22.80 22.60
C SER A 692 -23.99 21.32 22.45
N PHE A 693 -23.53 20.90 21.28
CA PHE A 693 -23.44 19.48 20.97
C PHE A 693 -22.47 19.32 19.81
N THR A 694 -21.69 18.23 19.84
CA THR A 694 -20.77 17.91 18.76
C THR A 694 -20.70 16.40 18.60
N LEU A 695 -20.94 15.92 17.38
CA LEU A 695 -20.87 14.51 17.04
C LEU A 695 -19.67 14.25 16.14
N LYS A 696 -19.25 13.00 16.08
CA LYS A 696 -18.19 12.56 15.19
C LYS A 696 -18.63 11.31 14.44
N ARG A 697 -17.79 10.86 13.52
CA ARG A 697 -18.13 9.70 12.71
C ARG A 697 -18.01 8.42 13.53
N ARG A 698 -18.83 7.44 13.17
CA ARG A 698 -18.83 6.10 13.78
C ARG A 698 -19.12 6.15 15.28
N ASP A 699 -20.02 7.05 15.67
CA ASP A 699 -20.45 7.17 17.06
C ASP A 699 -21.72 6.36 17.30
N MET A 700 -22.05 6.18 18.57
CA MET A 700 -23.34 5.67 18.98
C MET A 700 -24.27 6.84 19.22
N VAL A 701 -25.46 6.81 18.61
CA VAL A 701 -26.37 7.95 18.64
C VAL A 701 -27.80 7.44 18.66
N THR A 702 -28.67 8.16 19.35
CA THR A 702 -30.10 7.85 19.42
C THR A 702 -30.90 8.91 18.69
N VAL A 703 -32.11 8.54 18.29
CA VAL A 703 -33.01 9.39 17.52
C VAL A 703 -34.14 9.81 18.45
N GLU A 704 -34.45 11.11 18.44
CA GLU A 704 -35.60 11.63 19.18
C GLU A 704 -36.88 10.98 18.68
N GLY A 705 -37.59 10.31 19.59
CA GLY A 705 -38.80 9.59 19.23
C GLY A 705 -38.61 8.19 18.73
N GLU A 706 -37.43 7.59 18.94
CA GLU A 706 -37.17 6.21 18.57
C GLU A 706 -36.45 5.52 19.70
N ASP A 707 -36.74 4.21 19.86
CA ASP A 707 -36.18 3.44 20.96
C ASP A 707 -34.86 2.77 20.63
N ALA A 708 -34.52 2.63 19.35
CA ALA A 708 -33.34 1.88 18.98
C ALA A 708 -32.07 2.73 19.12
N ILE A 709 -30.92 2.06 18.97
CA ILE A 709 -29.62 2.70 18.99
C ILE A 709 -29.07 2.70 17.58
N TYR A 710 -28.48 3.83 17.18
CA TYR A 710 -28.05 4.03 15.81
C TYR A 710 -26.58 4.43 15.76
N ARG A 711 -25.94 4.11 14.64
CA ARG A 711 -24.53 4.40 14.42
C ARG A 711 -24.37 5.20 13.14
N ILE A 712 -23.50 6.20 13.17
CA ILE A 712 -23.29 7.09 12.03
C ILE A 712 -22.33 6.42 11.05
N LYS A 713 -22.77 6.30 9.79
CA LYS A 713 -21.90 5.87 8.70
C LYS A 713 -21.39 7.05 7.87
N LYS A 714 -22.28 7.95 7.49
CA LYS A 714 -21.92 9.17 6.78
C LYS A 714 -22.48 10.36 7.54
N LEU A 715 -21.70 11.43 7.65
CA LEU A 715 -22.16 12.59 8.40
C LEU A 715 -22.21 13.81 7.47
N GLY A 716 -22.52 14.96 8.05
CA GLY A 716 -22.67 16.20 7.31
C GLY A 716 -24.12 16.54 7.08
N THR A 717 -24.51 17.77 7.45
CA THR A 717 -25.90 18.25 7.43
C THR A 717 -26.81 17.26 8.17
N SER A 718 -27.65 16.56 7.41
CA SER A 718 -28.37 15.40 7.94
C SER A 718 -27.49 14.18 7.78
N PRO A 719 -26.90 13.66 8.86
CA PRO A 719 -26.02 12.50 8.74
C PRO A 719 -26.78 11.23 8.41
N THR A 720 -26.09 10.33 7.71
CA THR A 720 -26.63 9.01 7.40
C THR A 720 -26.29 8.08 8.56
N ILE A 721 -27.31 7.47 9.14
CA ILE A 721 -27.16 6.64 10.33
C ILE A 721 -27.62 5.23 10.02
N GLU A 722 -27.08 4.28 10.79
CA GLU A 722 -27.30 2.87 10.56
C GLU A 722 -27.77 2.19 11.83
N ALA A 723 -28.56 1.14 11.66
CA ALA A 723 -28.99 0.33 12.79
C ALA A 723 -27.83 -0.45 13.35
N VAL A 724 -27.67 -0.45 14.68
CA VAL A 724 -26.58 -1.17 15.30
C VAL A 724 -26.78 -2.67 15.22
N VAL A 725 -28.03 -3.12 15.08
CA VAL A 725 -28.34 -4.54 14.99
C VAL A 725 -29.60 -4.71 14.16
N GLY A 726 -29.63 -5.74 13.32
CA GLY A 726 -30.80 -6.09 12.55
C GLY A 726 -30.98 -5.35 11.24
N SER A 727 -29.98 -4.58 10.81
CA SER A 727 -30.08 -3.92 9.51
C SER A 727 -29.86 -4.94 8.40
N ASP A 728 -30.39 -4.60 7.22
CA ASP A 728 -30.25 -5.44 6.03
C ASP A 728 -29.61 -4.67 4.88
N GLY A 729 -28.73 -3.72 5.21
CA GLY A 729 -28.09 -2.90 4.22
C GLY A 729 -28.79 -1.57 3.95
N LYS A 730 -30.06 -1.44 4.34
CA LYS A 730 -30.78 -0.21 4.15
C LYS A 730 -30.28 0.87 5.11
N THR A 731 -30.29 2.11 4.65
CA THR A 731 -29.82 3.25 5.42
C THR A 731 -31.00 4.17 5.72
N ARG A 732 -30.77 5.14 6.60
CA ARG A 732 -31.77 6.15 6.92
C ARG A 732 -31.04 7.39 7.41
N THR A 733 -31.60 8.55 7.12
CA THR A 733 -31.01 9.83 7.53
C THR A 733 -31.94 10.54 8.49
N VAL A 734 -31.37 11.11 9.55
CA VAL A 734 -32.08 11.94 10.51
C VAL A 734 -31.18 13.12 10.83
N SER A 735 -31.76 14.32 10.84
CA SER A 735 -30.98 15.55 11.06
C SER A 735 -30.35 15.56 12.45
N ALA A 736 -29.21 16.24 12.54
CA ALA A 736 -28.42 16.25 13.78
C ALA A 736 -29.12 16.98 14.91
N THR A 737 -30.08 17.85 14.61
CA THR A 737 -30.88 18.49 15.65
C THR A 737 -31.67 17.44 16.43
N LYS A 738 -32.22 16.45 15.73
CA LYS A 738 -32.99 15.38 16.35
C LYS A 738 -32.11 14.25 16.90
N LEU A 739 -30.81 14.50 17.06
CA LEU A 739 -29.85 13.45 17.37
C LEU A 739 -29.22 13.70 18.74
N THR A 740 -28.87 12.60 19.41
CA THR A 740 -28.20 12.65 20.71
C THR A 740 -27.50 11.30 20.91
N LYS A 741 -26.27 11.35 21.43
CA LYS A 741 -25.49 10.12 21.60
C LYS A 741 -26.10 9.18 22.63
N ALA A 742 -25.73 7.92 22.52
CA ALA A 742 -26.14 6.90 23.48
C ALA A 742 -25.12 6.80 24.61
#